data_2CUL
#
_entry.id   2CUL
#
_cell.length_a   78.510
_cell.length_b   78.510
_cell.length_c   66.095
_cell.angle_alpha   90.00
_cell.angle_beta   90.00
_cell.angle_gamma   120.00
#
_symmetry.space_group_name_H-M   'P 32 2 1'
#
loop_
_entity.id
_entity.type
_entity.pdbx_description
1 polymer 'Glucose-inhibited division protein A-related protein, probable oxidoreductase'
2 non-polymer 'FLAVIN-ADENINE DINUCLEOTIDE'
3 water water
#
_entity_poly.entity_id   1
_entity_poly.type   'polypeptide(L)'
_entity_poly.pdbx_seq_one_letter_code
;MAAYQVLIVGAGFSGAETAFWLAQKGVRVGLLTQSLDAVMMPFLPPKPPFPPGSLLERAYDPKDERVWAFHARAKYLLEG
LRPLHLFQATATGLLLEGNRVVGVRTWEGPPARGEKVVLAVGSFLGARLFLGGVVEEAGRLSEASYPDLLEDLSRLGFRF
VEREGEVPETPSTPGYRVRYLAFHPEEWEEKTFRLKRLEGLYAVGLCVREGDYARMSEEGKRLAEHLLHELG
;
_entity_poly.pdbx_strand_id   A
#
# COMPACT_ATOMS: atom_id res chain seq x y z
N ALA A 2 12.41 -1.17 -17.62
CA ALA A 2 11.63 0.06 -17.29
C ALA A 2 10.18 -0.06 -17.78
N ALA A 3 9.69 -1.29 -17.86
CA ALA A 3 8.32 -1.53 -18.30
C ALA A 3 7.36 -0.69 -17.49
N TYR A 4 7.51 -0.76 -16.16
CA TYR A 4 6.67 0.04 -15.27
C TYR A 4 7.41 1.31 -14.89
N GLN A 5 6.77 2.45 -15.11
CA GLN A 5 7.37 3.72 -14.74
C GLN A 5 7.30 3.85 -13.23
N VAL A 6 6.26 3.26 -12.65
CA VAL A 6 6.06 3.27 -11.21
C VAL A 6 5.57 1.90 -10.76
N LEU A 7 6.27 1.30 -9.81
CA LEU A 7 5.91 0.00 -9.26
C LEU A 7 5.42 0.27 -7.85
N ILE A 8 4.18 -0.12 -7.57
CA ILE A 8 3.59 0.09 -6.25
C ILE A 8 3.38 -1.23 -5.54
N VAL A 9 3.88 -1.33 -4.31
CA VAL A 9 3.73 -2.54 -3.50
C VAL A 9 2.61 -2.32 -2.50
N GLY A 10 1.47 -2.98 -2.75
CA GLY A 10 0.32 -2.84 -1.87
C GLY A 10 -0.87 -2.21 -2.56
N ALA A 11 -1.91 -2.99 -2.78
CA ALA A 11 -3.11 -2.52 -3.46
C ALA A 11 -4.20 -2.14 -2.46
N GLY A 12 -3.82 -1.37 -1.46
CA GLY A 12 -4.76 -0.94 -0.44
C GLY A 12 -5.25 0.46 -0.73
N PHE A 13 -5.84 1.11 0.28
CA PHE A 13 -6.39 2.44 0.08
C PHE A 13 -5.41 3.49 -0.45
N SER A 14 -4.17 3.48 0.02
CA SER A 14 -3.21 4.47 -0.46
C SER A 14 -2.55 4.04 -1.77
N GLY A 15 -2.12 2.78 -1.83
CA GLY A 15 -1.47 2.27 -3.02
C GLY A 15 -2.35 2.21 -4.25
N ALA A 16 -3.58 1.73 -4.08
CA ALA A 16 -4.51 1.64 -5.21
C ALA A 16 -4.92 3.04 -5.69
N GLU A 17 -5.07 3.98 -4.76
CA GLU A 17 -5.45 5.33 -5.14
C GLU A 17 -4.31 5.93 -5.97
N THR A 18 -3.08 5.69 -5.55
CA THR A 18 -1.92 6.21 -6.28
C THR A 18 -1.95 5.65 -7.70
N ALA A 19 -2.17 4.35 -7.81
CA ALA A 19 -2.22 3.67 -9.10
C ALA A 19 -3.34 4.24 -9.97
N PHE A 20 -4.48 4.50 -9.35
CA PHE A 20 -5.63 5.04 -10.05
C PHE A 20 -5.36 6.35 -10.77
N TRP A 21 -4.85 7.35 -10.04
CA TRP A 21 -4.58 8.64 -10.65
C TRP A 21 -3.42 8.62 -11.64
N LEU A 22 -2.43 7.78 -11.39
CA LEU A 22 -1.30 7.70 -12.32
C LEU A 22 -1.80 7.11 -13.63
N ALA A 23 -2.61 6.05 -13.53
CA ALA A 23 -3.15 5.39 -14.71
C ALA A 23 -4.06 6.31 -15.52
N GLN A 24 -4.80 7.17 -14.82
CA GLN A 24 -5.69 8.11 -15.49
C GLN A 24 -4.89 9.02 -16.41
N LYS A 25 -3.63 9.24 -16.06
CA LYS A 25 -2.75 10.11 -16.84
C LYS A 25 -1.85 9.35 -17.82
N GLY A 26 -2.10 8.06 -17.97
CA GLY A 26 -1.34 7.25 -18.90
C GLY A 26 -0.01 6.69 -18.43
N VAL A 27 0.30 6.88 -17.16
CA VAL A 27 1.55 6.36 -16.61
C VAL A 27 1.49 4.84 -16.56
N ARG A 28 2.57 4.18 -16.97
CA ARG A 28 2.63 2.72 -16.96
C ARG A 28 2.87 2.31 -15.51
N VAL A 29 1.82 1.80 -14.88
CA VAL A 29 1.90 1.38 -13.49
C VAL A 29 1.79 -0.12 -13.24
N GLY A 30 2.65 -0.59 -12.34
CA GLY A 30 2.61 -1.99 -11.96
C GLY A 30 2.17 -1.97 -10.51
N LEU A 31 1.04 -2.59 -10.21
CA LEU A 31 0.53 -2.65 -8.85
C LEU A 31 0.65 -4.07 -8.34
N LEU A 32 1.67 -4.28 -7.51
CA LEU A 32 1.97 -5.59 -6.93
C LEU A 32 1.35 -5.73 -5.55
N THR A 33 0.66 -6.85 -5.30
CA THR A 33 0.04 -7.04 -4.00
C THR A 33 0.00 -8.54 -3.65
N GLN A 34 0.22 -8.86 -2.38
CA GLN A 34 0.27 -10.26 -1.97
C GLN A 34 -0.98 -11.09 -2.12
N SER A 35 -2.14 -10.46 -2.03
CA SER A 35 -3.40 -11.19 -2.17
C SER A 35 -4.41 -10.39 -2.97
N LEU A 36 -4.75 -10.88 -4.17
CA LEU A 36 -5.74 -10.17 -4.99
C LEU A 36 -7.10 -10.18 -4.30
N ASP A 37 -7.33 -11.17 -3.45
CA ASP A 37 -8.61 -11.26 -2.74
C ASP A 37 -8.72 -10.26 -1.60
N ALA A 38 -7.68 -9.45 -1.41
CA ALA A 38 -7.69 -8.46 -0.33
C ALA A 38 -7.53 -7.03 -0.85
N VAL A 39 -7.52 -6.87 -2.17
CA VAL A 39 -7.39 -5.54 -2.77
C VAL A 39 -8.42 -4.57 -2.21
N MET A 40 -7.96 -3.45 -1.67
CA MET A 40 -8.88 -2.44 -1.13
C MET A 40 -9.87 -2.98 -0.10
N MET A 41 -9.45 -3.95 0.69
CA MET A 41 -10.32 -4.52 1.72
C MET A 41 -10.41 -3.57 2.91
N PRO A 42 -11.64 -3.20 3.32
CA PRO A 42 -11.78 -2.30 4.47
C PRO A 42 -11.75 -3.07 5.78
N PHE A 43 -11.72 -2.31 6.88
CA PHE A 43 -11.81 -2.88 8.21
C PHE A 43 -13.31 -2.64 8.40
N LEU A 44 -13.69 -1.45 8.84
CA LEU A 44 -15.11 -1.13 8.98
C LEU A 44 -15.58 -0.56 7.64
N PRO A 45 -16.87 -0.67 7.33
CA PRO A 45 -17.38 -0.14 6.07
C PRO A 45 -17.03 1.34 5.86
N PRO A 46 -16.45 1.68 4.70
CA PRO A 46 -16.10 3.07 4.42
C PRO A 46 -17.38 3.90 4.32
N LYS A 47 -17.37 5.08 4.94
CA LYS A 47 -18.53 5.97 4.90
C LYS A 47 -18.11 7.36 4.47
N PRO A 48 -18.99 8.07 3.74
CA PRO A 48 -18.70 9.41 3.25
C PRO A 48 -18.50 10.42 4.37
N PRO A 49 -17.91 11.59 4.05
CA PRO A 49 -17.44 12.01 2.74
C PRO A 49 -16.09 11.42 2.29
N PHE A 50 -15.93 11.32 0.97
CA PHE A 50 -14.72 10.79 0.37
C PHE A 50 -14.08 11.86 -0.51
N PRO A 51 -12.79 11.70 -0.85
CA PRO A 51 -12.15 12.69 -1.71
C PRO A 51 -12.86 12.70 -3.06
N PRO A 52 -13.23 13.89 -3.56
CA PRO A 52 -13.92 13.97 -4.86
C PRO A 52 -13.22 13.27 -6.02
N GLY A 53 -13.99 12.44 -6.73
CA GLY A 53 -13.46 11.73 -7.89
C GLY A 53 -12.47 10.61 -7.61
N SER A 54 -12.26 10.29 -6.34
CA SER A 54 -11.31 9.25 -5.96
C SER A 54 -11.81 7.84 -6.23
N LEU A 55 -10.88 6.89 -6.25
CA LEU A 55 -11.23 5.49 -6.44
C LEU A 55 -12.10 5.10 -5.25
N LEU A 56 -11.75 5.65 -4.09
CA LEU A 56 -12.50 5.38 -2.86
C LEU A 56 -13.97 5.77 -3.03
N GLU A 57 -14.21 6.97 -3.57
CA GLU A 57 -15.58 7.44 -3.78
C GLU A 57 -16.31 6.57 -4.80
N ARG A 58 -15.63 6.25 -5.89
CA ARG A 58 -16.22 5.43 -6.95
C ARG A 58 -16.58 4.02 -6.49
N ALA A 59 -15.79 3.47 -5.57
CA ALA A 59 -16.03 2.12 -5.07
C ALA A 59 -17.18 2.02 -4.07
N TYR A 60 -17.53 3.14 -3.46
CA TYR A 60 -18.60 3.18 -2.47
C TYR A 60 -19.99 2.92 -3.05
N ASP A 61 -20.82 2.23 -2.28
CA ASP A 61 -22.20 1.94 -2.67
C ASP A 61 -23.03 2.21 -1.42
N PRO A 62 -23.84 3.29 -1.44
CA PRO A 62 -24.66 3.63 -0.28
C PRO A 62 -25.70 2.57 0.09
N LYS A 63 -25.93 1.61 -0.80
CA LYS A 63 -26.92 0.58 -0.53
C LYS A 63 -26.30 -0.79 -0.23
N ASP A 64 -24.98 -0.83 -0.13
CA ASP A 64 -24.28 -2.09 0.15
C ASP A 64 -23.12 -1.83 1.10
N GLU A 65 -23.27 -2.20 2.36
CA GLU A 65 -22.23 -1.99 3.36
C GLU A 65 -21.26 -3.16 3.52
N ARG A 66 -21.48 -4.25 2.80
CA ARG A 66 -20.59 -5.41 2.92
C ARG A 66 -19.17 -5.05 2.54
N VAL A 67 -18.24 -5.18 3.48
CA VAL A 67 -16.86 -4.83 3.19
C VAL A 67 -16.23 -5.68 2.08
N TRP A 68 -16.59 -6.96 1.98
CA TRP A 68 -16.01 -7.78 0.92
C TRP A 68 -16.47 -7.27 -0.44
N ALA A 69 -17.72 -6.83 -0.52
CA ALA A 69 -18.26 -6.31 -1.78
C ALA A 69 -17.54 -5.03 -2.17
N PHE A 70 -17.18 -4.21 -1.18
CA PHE A 70 -16.45 -2.98 -1.45
C PHE A 70 -15.13 -3.37 -2.09
N HIS A 71 -14.46 -4.37 -1.49
CA HIS A 71 -13.20 -4.87 -2.03
C HIS A 71 -13.37 -5.30 -3.48
N ALA A 72 -14.42 -6.06 -3.77
CA ALA A 72 -14.64 -6.55 -5.11
C ALA A 72 -14.91 -5.43 -6.12
N ARG A 73 -15.71 -4.45 -5.73
CA ARG A 73 -16.01 -3.34 -6.64
C ARG A 73 -14.76 -2.51 -6.92
N ALA A 74 -13.96 -2.28 -5.88
CA ALA A 74 -12.73 -1.51 -6.04
C ALA A 74 -11.76 -2.25 -6.95
N LYS A 75 -11.62 -3.55 -6.71
CA LYS A 75 -10.73 -4.38 -7.52
C LYS A 75 -11.12 -4.30 -9.00
N TYR A 76 -12.42 -4.43 -9.27
CA TYR A 76 -12.92 -4.39 -10.64
C TYR A 76 -12.62 -3.05 -11.31
N LEU A 77 -12.76 -1.96 -10.55
CA LEU A 77 -12.49 -0.63 -11.09
C LEU A 77 -11.02 -0.53 -11.51
N LEU A 78 -10.11 -1.05 -10.68
CA LEU A 78 -8.69 -1.01 -10.99
C LEU A 78 -8.38 -1.83 -12.24
N GLU A 79 -9.07 -2.95 -12.39
CA GLU A 79 -8.84 -3.82 -13.53
C GLU A 79 -9.29 -3.21 -14.86
N GLY A 80 -10.03 -2.11 -14.76
CA GLY A 80 -10.51 -1.45 -15.97
C GLY A 80 -9.60 -0.37 -16.50
N LEU A 81 -8.52 -0.09 -15.77
CA LEU A 81 -7.56 0.95 -16.17
C LEU A 81 -6.50 0.34 -17.09
N ARG A 82 -6.52 0.75 -18.35
CA ARG A 82 -5.59 0.23 -19.36
C ARG A 82 -4.09 0.30 -19.03
N PRO A 83 -3.59 1.45 -18.56
CA PRO A 83 -2.16 1.58 -18.24
C PRO A 83 -1.73 0.87 -16.95
N LEU A 84 -2.68 0.26 -16.26
CA LEU A 84 -2.37 -0.41 -15.00
C LEU A 84 -2.32 -1.92 -15.10
N HIS A 85 -1.29 -2.51 -14.49
CA HIS A 85 -1.19 -3.95 -14.44
C HIS A 85 -1.20 -4.37 -12.98
N LEU A 86 -2.30 -4.96 -12.55
CA LEU A 86 -2.46 -5.42 -11.18
C LEU A 86 -2.09 -6.89 -11.15
N PHE A 87 -1.12 -7.26 -10.32
CA PHE A 87 -0.71 -8.65 -10.25
C PHE A 87 -0.37 -9.09 -8.84
N GLN A 88 -0.40 -10.40 -8.62
CA GLN A 88 -0.12 -10.96 -7.31
C GLN A 88 1.34 -11.35 -7.16
N ALA A 89 1.92 -10.97 -6.03
CA ALA A 89 3.29 -11.31 -5.70
C ALA A 89 3.51 -10.83 -4.27
N THR A 90 4.40 -11.51 -3.55
CA THR A 90 4.71 -11.14 -2.17
C THR A 90 6.09 -10.52 -2.10
N ALA A 91 6.17 -9.20 -1.92
CA ALA A 91 7.46 -8.53 -1.84
C ALA A 91 8.19 -9.01 -0.59
N THR A 92 9.45 -9.39 -0.77
CA THR A 92 10.26 -9.89 0.33
C THR A 92 11.50 -9.07 0.59
N GLY A 93 11.79 -8.12 -0.30
CA GLY A 93 12.96 -7.30 -0.13
C GLY A 93 13.13 -6.30 -1.26
N LEU A 94 14.08 -5.39 -1.09
CA LEU A 94 14.31 -4.36 -2.11
C LEU A 94 15.40 -4.78 -3.10
N LEU A 95 15.13 -4.59 -4.39
CA LEU A 95 16.12 -4.88 -5.41
C LEU A 95 16.98 -3.63 -5.48
N LEU A 96 18.27 -3.78 -5.27
CA LEU A 96 19.16 -2.62 -5.29
C LEU A 96 20.28 -2.67 -6.32
N GLU A 97 20.61 -1.50 -6.84
CA GLU A 97 21.72 -1.33 -7.77
C GLU A 97 22.44 -0.20 -7.05
N GLY A 98 23.40 -0.57 -6.20
CA GLY A 98 24.11 0.44 -5.44
C GLY A 98 23.13 0.97 -4.39
N ASN A 99 22.97 2.29 -4.34
CA ASN A 99 22.06 2.87 -3.36
C ASN A 99 20.69 3.13 -3.97
N ARG A 100 20.45 2.60 -5.16
CA ARG A 100 19.17 2.81 -5.84
C ARG A 100 18.23 1.60 -5.85
N VAL A 101 16.99 1.84 -5.44
CA VAL A 101 15.98 0.79 -5.45
C VAL A 101 15.42 0.74 -6.87
N VAL A 102 15.51 -0.44 -7.49
CA VAL A 102 15.04 -0.62 -8.86
C VAL A 102 13.85 -1.57 -8.94
N GLY A 103 13.43 -2.11 -7.80
CA GLY A 103 12.31 -3.02 -7.79
C GLY A 103 12.27 -3.79 -6.49
N VAL A 104 11.57 -4.93 -6.47
CA VAL A 104 11.51 -5.74 -5.27
C VAL A 104 11.65 -7.21 -5.60
N ARG A 105 12.16 -7.97 -4.63
CA ARG A 105 12.29 -9.40 -4.79
C ARG A 105 10.94 -9.92 -4.33
N THR A 106 10.52 -11.08 -4.81
CA THR A 106 9.26 -11.66 -4.38
C THR A 106 9.48 -13.07 -3.88
N TRP A 107 8.62 -13.50 -2.96
CA TRP A 107 8.72 -14.82 -2.37
C TRP A 107 8.61 -15.91 -3.42
N GLU A 108 7.70 -15.71 -4.36
CA GLU A 108 7.47 -16.68 -5.42
C GLU A 108 8.66 -16.82 -6.37
N GLY A 109 9.57 -15.85 -6.33
CA GLY A 109 10.76 -15.91 -7.16
C GLY A 109 11.01 -14.78 -8.16
N PRO A 110 10.07 -14.49 -9.05
CA PRO A 110 10.26 -13.42 -10.03
C PRO A 110 10.36 -12.01 -9.48
N PRO A 111 11.44 -11.28 -9.83
CA PRO A 111 11.54 -9.92 -9.31
C PRO A 111 10.60 -9.01 -10.10
N ALA A 112 10.20 -7.90 -9.50
CA ALA A 112 9.34 -6.93 -10.15
C ALA A 112 10.14 -5.64 -10.16
N ARG A 113 10.19 -4.97 -11.30
CA ARG A 113 10.98 -3.75 -11.41
C ARG A 113 10.18 -2.50 -11.79
N GLY A 114 10.67 -1.35 -11.35
CA GLY A 114 10.01 -0.09 -11.66
C GLY A 114 11.01 1.05 -11.60
N GLU A 115 10.79 2.09 -12.40
CA GLU A 115 11.69 3.23 -12.41
C GLU A 115 11.65 3.90 -11.05
N LYS A 116 10.46 3.89 -10.45
CA LYS A 116 10.26 4.43 -9.12
C LYS A 116 9.49 3.34 -8.38
N VAL A 117 9.89 3.08 -7.13
CA VAL A 117 9.24 2.05 -6.34
C VAL A 117 8.55 2.67 -5.13
N VAL A 118 7.27 2.35 -4.98
CA VAL A 118 6.45 2.88 -3.89
C VAL A 118 6.01 1.79 -2.92
N LEU A 119 6.27 2.01 -1.64
CA LEU A 119 5.85 1.06 -0.62
C LEU A 119 4.56 1.61 0.00
N ALA A 120 3.48 0.85 -0.12
CA ALA A 120 2.18 1.23 0.42
C ALA A 120 1.63 -0.02 1.11
N VAL A 121 2.44 -0.55 2.03
CA VAL A 121 2.14 -1.79 2.72
C VAL A 121 1.27 -1.74 3.97
N GLY A 122 0.67 -0.59 4.25
CA GLY A 122 -0.21 -0.45 5.40
C GLY A 122 0.30 -0.93 6.75
N SER A 123 -0.53 -1.72 7.42
CA SER A 123 -0.21 -2.25 8.74
C SER A 123 0.39 -3.66 8.70
N PHE A 124 1.05 -3.99 7.59
CA PHE A 124 1.62 -5.33 7.44
C PHE A 124 3.09 -5.53 7.78
N LEU A 125 3.73 -4.52 8.34
CA LEU A 125 5.14 -4.66 8.73
C LEU A 125 5.17 -4.97 10.24
N GLY A 126 5.67 -6.14 10.60
CA GLY A 126 5.74 -6.53 12.01
C GLY A 126 4.38 -6.57 12.66
N ALA A 127 3.37 -6.95 11.87
CA ALA A 127 1.99 -7.01 12.35
C ALA A 127 1.70 -8.08 13.39
N ARG A 128 0.95 -7.69 14.41
CA ARG A 128 0.52 -8.59 15.47
C ARG A 128 -0.95 -8.28 15.68
N LEU A 129 -1.81 -9.24 15.38
CA LEU A 129 -3.25 -9.04 15.51
C LEU A 129 -3.74 -9.74 16.78
N PHE A 130 -4.30 -8.95 17.69
CA PHE A 130 -4.81 -9.44 18.97
C PHE A 130 -6.33 -9.61 18.91
N LEU A 131 -6.77 -10.86 18.87
CA LEU A 131 -8.19 -11.17 18.82
C LEU A 131 -8.54 -12.19 19.89
N GLY A 132 -9.08 -11.71 21.00
CA GLY A 132 -9.44 -12.60 22.09
C GLY A 132 -8.20 -13.15 22.78
N GLY A 133 -8.09 -14.47 22.82
CA GLY A 133 -6.95 -15.09 23.46
C GLY A 133 -5.90 -15.59 22.47
N VAL A 134 -5.87 -15.00 21.29
CA VAL A 134 -4.91 -15.40 20.27
C VAL A 134 -4.20 -14.19 19.66
N VAL A 135 -2.99 -14.42 19.16
CA VAL A 135 -2.19 -13.37 18.53
C VAL A 135 -1.72 -13.89 17.18
N GLU A 136 -2.20 -13.27 16.11
CA GLU A 136 -1.83 -13.69 14.76
C GLU A 136 -0.90 -12.72 14.06
N GLU A 137 -0.10 -13.25 13.14
CA GLU A 137 0.81 -12.42 12.36
C GLU A 137 0.00 -12.01 11.13
N ALA A 138 -0.80 -10.96 11.31
CA ALA A 138 -1.68 -10.47 10.25
C ALA A 138 -1.89 -8.97 10.35
N GLY A 139 -1.94 -8.30 9.20
CA GLY A 139 -2.14 -6.87 9.19
C GLY A 139 -3.60 -6.46 9.26
N ARG A 140 -4.48 -7.43 9.04
CA ARG A 140 -5.93 -7.22 9.08
C ARG A 140 -6.55 -8.61 9.23
N LEU A 141 -7.77 -8.69 9.74
CA LEU A 141 -8.42 -9.98 9.94
C LEU A 141 -8.30 -10.90 8.73
N SER A 142 -7.82 -12.11 8.97
CA SER A 142 -7.66 -13.13 7.93
C SER A 142 -6.66 -12.81 6.83
N GLU A 143 -5.86 -11.77 7.02
CA GLU A 143 -4.87 -11.37 6.03
C GLU A 143 -3.47 -11.48 6.62
N ALA A 144 -2.80 -12.59 6.35
CA ALA A 144 -1.47 -12.84 6.86
C ALA A 144 -0.42 -11.83 6.41
N SER A 145 0.63 -11.70 7.22
CA SER A 145 1.74 -10.81 6.96
C SER A 145 3.02 -11.62 6.89
N TYR A 146 3.72 -11.52 5.77
CA TYR A 146 4.99 -12.22 5.57
C TYR A 146 6.06 -11.34 6.21
N PRO A 147 6.96 -11.94 7.01
CA PRO A 147 8.03 -11.23 7.72
C PRO A 147 9.22 -10.72 6.90
N ASP A 148 9.40 -11.26 5.71
CA ASP A 148 10.54 -10.93 4.88
C ASP A 148 10.83 -9.46 4.58
N LEU A 149 9.82 -8.71 4.13
CA LEU A 149 10.07 -7.31 3.80
C LEU A 149 10.56 -6.50 4.98
N LEU A 150 9.92 -6.64 6.14
CA LEU A 150 10.36 -5.90 7.31
C LEU A 150 11.80 -6.28 7.67
N GLU A 151 12.10 -7.57 7.60
CA GLU A 151 13.45 -8.05 7.92
C GLU A 151 14.46 -7.41 6.97
N ASP A 152 14.13 -7.35 5.69
CA ASP A 152 15.05 -6.75 4.73
C ASP A 152 15.24 -5.27 5.00
N LEU A 153 14.14 -4.56 5.22
CA LEU A 153 14.23 -3.12 5.51
C LEU A 153 15.05 -2.89 6.78
N SER A 154 14.84 -3.73 7.79
CA SER A 154 15.56 -3.60 9.05
C SER A 154 17.05 -3.86 8.83
N ARG A 155 17.36 -4.88 8.04
CA ARG A 155 18.76 -5.21 7.75
C ARG A 155 19.45 -4.07 7.03
N LEU A 156 18.71 -3.35 6.20
CA LEU A 156 19.26 -2.24 5.44
C LEU A 156 19.47 -1.01 6.30
N GLY A 157 18.94 -1.02 7.51
CA GLY A 157 19.11 0.10 8.41
C GLY A 157 17.90 0.98 8.68
N PHE A 158 16.79 0.72 8.00
CA PHE A 158 15.59 1.53 8.21
C PHE A 158 15.08 1.48 9.65
N ARG A 159 14.67 2.63 10.15
CA ARG A 159 14.13 2.76 11.50
C ARG A 159 12.61 2.79 11.48
N PHE A 160 11.98 2.22 12.51
CA PHE A 160 10.53 2.16 12.60
C PHE A 160 10.01 2.57 13.98
N VAL A 161 8.73 2.93 14.02
CA VAL A 161 8.07 3.30 15.27
C VAL A 161 6.83 2.41 15.39
N GLU A 162 6.44 2.09 16.62
CA GLU A 162 5.28 1.24 16.85
C GLU A 162 3.98 2.02 16.84
N ARG A 163 2.97 1.45 16.18
CA ARG A 163 1.65 2.04 16.10
C ARG A 163 0.60 0.96 16.36
N GLU A 164 -0.64 1.37 16.57
CA GLU A 164 -1.71 0.42 16.81
C GLU A 164 -3.04 0.90 16.26
N GLY A 165 -3.80 -0.03 15.71
CA GLY A 165 -5.11 0.30 15.18
C GLY A 165 -6.08 -0.65 15.85
N GLU A 166 -7.37 -0.32 15.82
CA GLU A 166 -8.36 -1.18 16.45
C GLU A 166 -9.67 -1.21 15.68
N VAL A 167 -10.33 -2.37 15.73
CA VAL A 167 -11.63 -2.56 15.09
C VAL A 167 -12.61 -2.88 16.21
N PRO A 168 -13.71 -2.11 16.30
CA PRO A 168 -14.72 -2.33 17.33
C PRO A 168 -15.46 -3.65 17.11
N PRO A 174 -16.01 -10.20 15.97
CA PRO A 174 -15.39 -9.76 17.23
C PRO A 174 -14.46 -8.57 17.00
N GLY A 175 -14.13 -7.86 18.08
CA GLY A 175 -13.24 -6.72 17.96
C GLY A 175 -11.80 -7.19 18.07
N TYR A 176 -10.87 -6.40 17.55
CA TYR A 176 -9.46 -6.78 17.63
C TYR A 176 -8.55 -5.58 17.44
N ARG A 177 -7.28 -5.76 17.76
CA ARG A 177 -6.28 -4.71 17.61
C ARG A 177 -5.14 -5.22 16.76
N VAL A 178 -4.49 -4.31 16.04
CA VAL A 178 -3.34 -4.68 15.23
C VAL A 178 -2.19 -3.73 15.54
N ARG A 179 -1.10 -4.27 16.09
CA ARG A 179 0.07 -3.47 16.37
C ARG A 179 0.98 -3.67 15.16
N TYR A 180 1.50 -2.58 14.63
CA TYR A 180 2.35 -2.66 13.46
C TYR A 180 3.46 -1.63 13.51
N LEU A 181 4.36 -1.71 12.53
CA LEU A 181 5.47 -0.79 12.46
C LEU A 181 5.36 0.13 11.27
N ALA A 182 5.61 1.41 11.50
CA ALA A 182 5.58 2.41 10.43
C ALA A 182 6.98 2.99 10.35
N PHE A 183 7.38 3.41 9.15
CA PHE A 183 8.68 4.02 8.96
C PHE A 183 8.79 5.23 9.89
N HIS A 184 9.94 5.36 10.54
CA HIS A 184 10.16 6.50 11.44
C HIS A 184 10.02 7.77 10.60
N PRO A 185 9.40 8.82 11.15
CA PRO A 185 9.23 10.07 10.40
C PRO A 185 10.49 10.64 9.75
N GLU A 186 11.64 10.48 10.39
CA GLU A 186 12.90 11.00 9.85
C GLU A 186 13.31 10.32 8.54
N GLU A 187 12.76 9.15 8.27
CA GLU A 187 13.08 8.41 7.05
C GLU A 187 12.32 8.96 5.86
N TRP A 188 11.21 9.62 6.14
CA TRP A 188 10.31 10.10 5.10
C TRP A 188 10.25 11.61 4.85
N GLU A 189 10.27 11.99 3.58
CA GLU A 189 10.17 13.40 3.19
C GLU A 189 8.72 13.60 2.76
N GLU A 190 7.92 14.21 3.65
CA GLU A 190 6.50 14.43 3.40
C GLU A 190 6.12 15.08 2.07
N LYS A 191 6.90 16.07 1.63
CA LYS A 191 6.59 16.75 0.38
C LYS A 191 6.78 15.92 -0.88
N THR A 192 7.72 14.98 -0.85
CA THR A 192 8.03 14.16 -2.01
C THR A 192 7.72 12.68 -1.83
N PHE A 193 7.39 12.27 -0.62
CA PHE A 193 7.10 10.87 -0.30
C PHE A 193 8.35 10.00 -0.34
N ARG A 194 9.50 10.64 -0.48
CA ARG A 194 10.75 9.90 -0.55
C ARG A 194 11.24 9.30 0.76
N LEU A 195 11.74 8.07 0.67
CA LEU A 195 12.36 7.41 1.81
C LEU A 195 13.82 7.69 1.42
N LYS A 196 14.30 8.84 1.87
CA LYS A 196 15.63 9.35 1.56
C LYS A 196 16.85 8.48 1.82
N ARG A 197 16.71 7.42 2.60
CA ARG A 197 17.84 6.54 2.90
C ARG A 197 18.43 5.95 1.62
N LEU A 198 17.58 5.70 0.63
CA LEU A 198 18.02 5.16 -0.64
C LEU A 198 17.43 5.99 -1.78
N GLU A 199 17.85 5.72 -3.02
CA GLU A 199 17.35 6.45 -4.17
C GLU A 199 16.20 5.73 -4.85
N GLY A 200 15.32 6.50 -5.50
CA GLY A 200 14.18 5.95 -6.22
C GLY A 200 13.11 5.27 -5.40
N LEU A 201 13.14 5.48 -4.09
CA LEU A 201 12.20 4.85 -3.16
C LEU A 201 11.20 5.83 -2.55
N TYR A 202 9.92 5.45 -2.57
CA TYR A 202 8.85 6.26 -2.02
C TYR A 202 7.99 5.42 -1.08
N ALA A 203 7.22 6.08 -0.22
CA ALA A 203 6.33 5.39 0.70
C ALA A 203 5.09 6.24 0.89
N VAL A 204 3.95 5.59 1.07
CA VAL A 204 2.69 6.32 1.25
C VAL A 204 1.71 5.51 2.10
N GLY A 205 0.77 6.21 2.74
CA GLY A 205 -0.22 5.53 3.54
C GLY A 205 0.17 5.25 4.98
N LEU A 206 -0.53 4.29 5.56
CA LEU A 206 -0.32 3.92 6.96
C LEU A 206 1.11 3.48 7.29
N CYS A 207 1.84 2.94 6.33
CA CYS A 207 3.20 2.50 6.65
C CYS A 207 4.13 3.68 6.93
N VAL A 208 3.66 4.90 6.71
CA VAL A 208 4.47 6.09 6.99
C VAL A 208 3.77 7.12 7.89
N ARG A 209 2.44 7.18 7.82
CA ARG A 209 1.70 8.14 8.63
C ARG A 209 0.28 7.66 8.90
N GLU A 210 -0.20 7.91 10.11
CA GLU A 210 -1.54 7.49 10.50
C GLU A 210 -2.62 8.26 9.74
N GLY A 211 -3.80 7.66 9.66
CA GLY A 211 -4.91 8.30 8.97
C GLY A 211 -6.01 7.31 8.68
N ASP A 212 -7.18 7.81 8.28
CA ASP A 212 -8.33 6.97 7.95
C ASP A 212 -8.40 6.74 6.44
N TYR A 213 -9.47 6.11 5.97
CA TYR A 213 -9.61 5.82 4.55
C TYR A 213 -9.41 7.05 3.65
N ALA A 214 -10.13 8.13 3.96
CA ALA A 214 -10.02 9.34 3.16
C ALA A 214 -8.61 9.91 3.14
N ARG A 215 -7.93 9.84 4.29
CA ARG A 215 -6.56 10.34 4.39
C ARG A 215 -5.65 9.49 3.52
N MET A 216 -5.85 8.17 3.56
CA MET A 216 -5.05 7.26 2.75
C MET A 216 -5.24 7.60 1.28
N SER A 217 -6.50 7.83 0.90
CA SER A 217 -6.84 8.17 -0.47
C SER A 217 -6.22 9.52 -0.88
N GLU A 218 -6.35 10.52 -0.02
CA GLU A 218 -5.78 11.84 -0.32
C GLU A 218 -4.27 11.75 -0.47
N GLU A 219 -3.64 10.94 0.38
CA GLU A 219 -2.20 10.78 0.30
C GLU A 219 -1.78 10.08 -0.99
N GLY A 220 -2.54 9.09 -1.41
CA GLY A 220 -2.22 8.38 -2.64
C GLY A 220 -2.34 9.32 -3.84
N LYS A 221 -3.36 10.16 -3.85
CA LYS A 221 -3.55 11.12 -4.94
C LYS A 221 -2.42 12.14 -4.93
N ARG A 222 -2.04 12.59 -3.73
CA ARG A 222 -0.97 13.58 -3.60
C ARG A 222 0.34 13.01 -4.14
N LEU A 223 0.60 11.74 -3.86
CA LEU A 223 1.80 11.09 -4.36
C LEU A 223 1.74 11.01 -5.87
N ALA A 224 0.58 10.62 -6.39
CA ALA A 224 0.41 10.51 -7.84
C ALA A 224 0.70 11.84 -8.51
N GLU A 225 0.17 12.92 -7.93
CA GLU A 225 0.39 14.26 -8.49
C GLU A 225 1.87 14.63 -8.46
N HIS A 226 2.56 14.23 -7.39
CA HIS A 226 3.98 14.54 -7.28
C HIS A 226 4.78 13.79 -8.34
N LEU A 227 4.50 12.48 -8.47
CA LEU A 227 5.21 11.65 -9.44
C LEU A 227 4.95 12.11 -10.87
N LEU A 228 3.74 12.58 -11.15
CA LEU A 228 3.40 13.04 -12.48
C LEU A 228 4.25 14.27 -12.82
N HIS A 229 4.54 15.06 -11.80
CA HIS A 229 5.36 16.25 -11.97
C HIS A 229 6.81 15.84 -12.21
N GLU A 230 7.27 14.84 -11.46
CA GLU A 230 8.64 14.35 -11.57
C GLU A 230 8.93 13.71 -12.93
N LEU A 231 7.93 13.05 -13.48
CA LEU A 231 8.08 12.39 -14.78
C LEU A 231 8.17 13.40 -15.92
#